data_8K5U
#
_entry.id   8K5U
#
_cell.length_a   80.826
_cell.length_b   73.790
_cell.length_c   81.280
_cell.angle_alpha   90.00
_cell.angle_beta   116.11
_cell.angle_gamma   90.00
#
_symmetry.space_group_name_H-M   'P 1 21 1'
#
loop_
_entity.id
_entity.type
_entity.pdbx_description
1 polymer 'Se glycosyltransferase'
2 water water
#
_entity_poly.entity_id   1
_entity_poly.type   'polypeptide(L)'
_entity_poly.pdbx_seq_one_letter_code
;MSRPSVAIVSPAVASANNGNWQTARRWQEFLDGTCNVRMTQRWPDDGSQDDVVMLALHARRSADSIEAWASVHGDRGLAV
VLTGTDLYQDIVVDPRARHSLELAGQLVVLQDLGAEALPPALRGKTRVIYQSTPSQAAASKPDTVLQALMVGHLREVKSP
QTLFQAARLLAGHDDIRIDHIGEALDPVLGEQALATQRDCPNYRWLGALPHDGTRERIRCAHLLVHASAMEGGAHVIMEA
VCSGTPVLASRIPGNVGMLGADYAGYFTHGDAAALAALLVRCRQGQAASGDVPADPLLARLGAQCALRAPLFAPEAERAA
LLRLVADLM
;
_entity_poly.pdbx_strand_id   A,B
#
# COMPACT_ATOMS: atom_id res chain seq x y z
N SER A 2 32.12 3.48 14.25
CA SER A 2 31.09 3.83 15.22
C SER A 2 29.80 4.30 14.51
N ARG A 3 29.89 4.51 13.19
CA ARG A 3 28.75 4.89 12.39
C ARG A 3 28.79 4.06 11.10
N PRO A 4 27.63 3.62 10.60
CA PRO A 4 27.64 2.81 9.38
C PRO A 4 28.03 3.64 8.16
N SER A 5 28.80 3.02 7.27
CA SER A 5 29.31 3.66 6.06
C SER A 5 28.37 3.42 4.89
N VAL A 6 27.83 4.50 4.33
CA VAL A 6 26.83 4.47 3.26
C VAL A 6 27.39 5.18 2.04
N ALA A 7 27.39 4.49 0.90
CA ALA A 7 27.81 5.09 -0.36
C ALA A 7 26.59 5.49 -1.18
N ILE A 8 26.58 6.73 -1.67
CA ILE A 8 25.58 7.20 -2.61
C ILE A 8 26.29 7.34 -3.96
N VAL A 9 25.91 6.51 -4.92
CA VAL A 9 26.54 6.52 -6.24
C VAL A 9 25.68 7.37 -7.18
N SER A 10 26.29 8.41 -7.74
CA SER A 10 25.59 9.28 -8.69
C SER A 10 26.61 9.88 -9.66
N PRO A 11 26.20 10.20 -10.90
CA PRO A 11 27.21 10.64 -11.87
C PRO A 11 27.67 12.07 -11.65
N ASN A 20 22.04 21.12 -3.68
CA ASN A 20 21.51 20.81 -2.36
C ASN A 20 20.10 20.21 -2.45
N TRP A 21 19.41 20.51 -3.55
CA TRP A 21 18.06 20.03 -3.80
C TRP A 21 18.03 18.71 -4.58
N GLN A 22 19.11 18.35 -5.26
CA GLN A 22 19.19 17.10 -6.00
C GLN A 22 19.32 15.93 -5.05
N THR A 23 18.91 14.75 -5.54
CA THR A 23 18.67 13.63 -4.63
C THR A 23 19.95 13.22 -3.89
N ALA A 24 21.06 13.12 -4.61
CA ALA A 24 22.30 12.69 -3.96
C ALA A 24 22.64 13.59 -2.77
N ARG A 25 22.49 14.91 -2.94
CA ARG A 25 22.83 15.84 -1.86
C ARG A 25 21.74 15.88 -0.79
N ARG A 26 20.47 15.88 -1.21
CA ARG A 26 19.35 15.85 -0.27
C ARG A 26 19.45 14.63 0.63
N TRP A 27 19.72 13.46 0.05
CA TRP A 27 19.84 12.24 0.81
C TRP A 27 21.10 12.21 1.66
N GLN A 28 22.19 12.79 1.15
CA GLN A 28 23.40 12.87 1.98
C GLN A 28 23.15 13.71 3.23
N GLU A 29 22.39 14.80 3.10
CA GLU A 29 22.09 15.63 4.26
C GLU A 29 21.16 14.91 5.23
N PHE A 30 20.15 14.20 4.72
CA PHE A 30 19.28 13.42 5.60
C PHE A 30 20.09 12.41 6.42
N LEU A 31 21.05 11.75 5.80
CA LEU A 31 21.74 10.64 6.43
C LEU A 31 22.97 11.07 7.23
N ASP A 32 23.40 12.33 7.09
CA ASP A 32 24.68 12.77 7.61
C ASP A 32 24.74 12.75 9.14
N GLY A 33 23.58 12.78 9.79
CA GLY A 33 23.57 12.77 11.25
C GLY A 33 23.99 11.44 11.85
N THR A 34 23.53 10.33 11.27
CA THR A 34 23.76 9.03 11.89
C THR A 34 24.76 8.14 11.17
N CYS A 35 24.98 8.34 9.86
CA CYS A 35 25.88 7.52 9.05
C CYS A 35 27.11 8.33 8.61
N ASN A 36 28.15 7.61 8.20
CA ASN A 36 29.21 8.19 7.38
C ASN A 36 28.79 8.05 5.93
N VAL A 37 28.26 9.12 5.34
CA VAL A 37 27.79 9.15 3.97
C VAL A 37 28.83 9.81 3.10
N ARG A 38 28.97 9.33 1.88
CA ARG A 38 29.79 10.03 0.88
C ARG A 38 29.21 9.76 -0.49
N MET A 39 29.09 10.82 -1.28
CA MET A 39 28.73 10.69 -2.67
C MET A 39 29.97 10.32 -3.47
N THR A 40 29.78 9.44 -4.46
CA THR A 40 30.88 9.04 -5.31
C THR A 40 30.29 8.65 -6.66
N GLN A 41 31.09 8.83 -7.72
CA GLN A 41 30.65 8.52 -9.06
C GLN A 41 30.85 7.07 -9.45
N ARG A 42 31.87 6.41 -8.90
CA ARG A 42 32.15 5.00 -9.14
C ARG A 42 32.34 4.35 -7.79
N TRP A 43 31.83 3.11 -7.61
CA TRP A 43 31.77 2.75 -6.21
C TRP A 43 33.10 2.28 -5.64
N PRO A 44 33.70 1.18 -6.14
CA PRO A 44 34.93 0.72 -5.48
C PRO A 44 35.96 1.84 -5.57
N ASP A 45 35.88 2.81 -4.65
CA ASP A 45 36.78 3.97 -4.64
C ASP A 45 37.74 3.84 -3.46
N ASP A 46 38.27 4.98 -3.02
CA ASP A 46 39.33 4.95 -2.02
C ASP A 46 38.77 4.65 -0.64
N GLY A 47 37.65 5.28 -0.27
CA GLY A 47 37.11 5.09 1.05
C GLY A 47 36.00 4.04 1.16
N SER A 48 36.13 2.94 0.42
CA SER A 48 35.05 1.98 0.27
C SER A 48 35.15 0.79 1.23
N GLN A 49 36.25 0.68 1.98
CA GLN A 49 36.52 -0.58 2.67
C GLN A 49 35.46 -0.95 3.71
N ASP A 50 34.70 0.03 4.23
CA ASP A 50 33.79 -0.25 5.32
C ASP A 50 32.31 -0.12 4.94
N ASP A 51 32.01 0.08 3.66
CA ASP A 51 30.63 0.39 3.27
C ASP A 51 29.73 -0.81 3.56
N VAL A 52 28.56 -0.54 4.15
CA VAL A 52 27.55 -1.57 4.34
C VAL A 52 26.31 -1.36 3.47
N VAL A 53 26.06 -0.16 2.98
CA VAL A 53 24.86 0.17 2.20
C VAL A 53 25.32 0.90 0.94
N MET A 54 24.73 0.55 -0.21
CA MET A 54 24.93 1.34 -1.40
C MET A 54 23.57 1.81 -1.90
N LEU A 55 23.46 3.12 -2.15
CA LEU A 55 22.25 3.72 -2.70
C LEU A 55 22.61 4.27 -4.07
N ALA A 56 22.18 3.59 -5.13
CA ALA A 56 22.63 3.89 -6.49
C ALA A 56 21.53 4.63 -7.25
N LEU A 57 21.89 5.78 -7.82
CA LEU A 57 20.99 6.56 -8.68
C LEU A 57 21.35 6.32 -10.15
N HIS A 58 20.33 6.38 -11.00
CA HIS A 58 20.53 6.28 -12.46
C HIS A 58 21.18 4.96 -12.84
N ALA A 59 20.39 3.88 -12.89
CA ALA A 59 20.93 2.53 -13.03
C ALA A 59 21.83 2.38 -14.25
N ARG A 60 21.45 3.01 -15.37
CA ARG A 60 22.22 2.83 -16.61
C ARG A 60 23.64 3.36 -16.47
N ARG A 61 23.79 4.60 -16.02
CA ARG A 61 25.13 5.15 -15.90
C ARG A 61 25.89 4.58 -14.71
N SER A 62 25.20 4.04 -13.71
CA SER A 62 25.84 3.49 -12.54
C SER A 62 25.78 1.96 -12.49
N ALA A 63 25.70 1.29 -13.64
CA ALA A 63 25.56 -0.19 -13.67
C ALA A 63 26.85 -0.90 -13.24
N ASP A 64 28.00 -0.41 -13.66
CA ASP A 64 29.32 -0.99 -13.28
C ASP A 64 29.49 -0.98 -11.76
N SER A 65 29.03 0.08 -11.10
CA SER A 65 29.14 0.19 -9.63
C SER A 65 28.10 -0.74 -8.97
N ILE A 66 26.92 -0.87 -9.56
CA ILE A 66 25.94 -1.81 -9.03
C ILE A 66 26.46 -3.25 -9.17
N GLU A 67 27.08 -3.56 -10.31
CA GLU A 67 27.58 -4.90 -10.54
C GLU A 67 28.83 -5.17 -9.68
N ALA A 68 29.65 -4.13 -9.44
CA ALA A 68 30.78 -4.30 -8.53
C ALA A 68 30.31 -4.66 -7.13
N TRP A 69 29.25 -3.99 -6.66
CA TRP A 69 28.72 -4.28 -5.33
C TRP A 69 28.21 -5.70 -5.23
N ALA A 70 27.43 -6.13 -6.22
CA ALA A 70 26.84 -7.47 -6.19
C ALA A 70 27.91 -8.56 -6.17
N SER A 71 29.04 -8.32 -6.86
CA SER A 71 30.14 -9.31 -6.87
C SER A 71 30.78 -9.47 -5.50
N VAL A 72 30.57 -8.51 -4.61
CA VAL A 72 31.14 -8.54 -3.27
C VAL A 72 30.07 -8.86 -2.23
N HIS A 73 28.85 -8.39 -2.44
CA HIS A 73 27.81 -8.50 -1.42
C HIS A 73 26.54 -9.20 -1.87
N GLY A 74 26.41 -9.54 -3.15
CA GLY A 74 25.09 -9.89 -3.66
C GLY A 74 24.22 -8.65 -3.61
N ASP A 75 22.93 -8.84 -3.30
CA ASP A 75 22.05 -7.68 -3.13
C ASP A 75 22.03 -7.16 -1.69
N ARG A 76 22.89 -7.66 -0.81
CA ARG A 76 22.88 -7.22 0.58
C ARG A 76 23.29 -5.75 0.64
N GLY A 77 22.40 -4.92 1.19
CA GLY A 77 22.70 -3.52 1.37
C GLY A 77 22.53 -2.65 0.14
N LEU A 78 21.98 -3.19 -0.95
CA LEU A 78 21.91 -2.48 -2.22
C LEU A 78 20.47 -2.05 -2.52
N ALA A 79 20.28 -0.75 -2.76
CA ALA A 79 19.04 -0.22 -3.30
C ALA A 79 19.31 0.62 -4.54
N VAL A 80 18.38 0.58 -5.50
CA VAL A 80 18.46 1.35 -6.74
C VAL A 80 17.22 2.25 -6.83
N VAL A 81 17.43 3.53 -7.13
CA VAL A 81 16.35 4.52 -7.20
C VAL A 81 15.97 4.71 -8.68
N LEU A 82 14.67 4.73 -8.98
CA LEU A 82 14.20 4.72 -10.37
C LEU A 82 13.46 6.00 -10.71
N THR A 83 13.79 6.59 -11.85
CA THR A 83 13.09 7.74 -12.41
C THR A 83 12.36 7.32 -13.68
N GLY A 84 11.71 8.29 -14.31
CA GLY A 84 10.96 7.98 -15.53
C GLY A 84 11.86 7.46 -16.63
N THR A 85 13.05 8.06 -16.77
CA THR A 85 14.00 7.58 -17.77
C THR A 85 14.36 6.11 -17.52
N ASP A 86 14.50 5.72 -16.26
CA ASP A 86 14.73 4.31 -15.92
C ASP A 86 13.52 3.46 -16.28
N LEU A 87 12.33 3.87 -15.85
CA LEU A 87 11.15 3.01 -15.91
C LEU A 87 10.72 2.72 -17.35
N TYR A 88 10.67 3.75 -18.21
CA TYR A 88 10.05 3.59 -19.52
C TYR A 88 11.04 3.57 -20.67
N GLN A 89 12.28 4.03 -20.49
CA GLN A 89 13.30 3.97 -21.53
C GLN A 89 14.37 2.95 -21.22
N ASP A 90 15.17 3.14 -20.16
CA ASP A 90 16.43 2.43 -20.04
C ASP A 90 16.24 0.94 -19.75
N ILE A 91 15.23 0.55 -18.98
CA ILE A 91 15.06 -0.86 -18.64
C ILE A 91 14.40 -1.69 -19.73
N VAL A 92 13.95 -1.07 -20.83
CA VAL A 92 13.45 -1.81 -21.98
C VAL A 92 14.39 -1.72 -23.16
N VAL A 93 15.54 -1.08 -23.00
CA VAL A 93 16.41 -0.74 -24.12
C VAL A 93 17.85 -1.10 -23.78
N ASP A 94 18.24 -0.90 -22.52
CA ASP A 94 19.61 -1.17 -22.10
C ASP A 94 19.65 -2.40 -21.23
N PRO A 95 20.14 -3.54 -21.74
CA PRO A 95 20.09 -4.78 -20.94
C PRO A 95 20.94 -4.70 -19.68
N ARG A 96 22.02 -3.93 -19.68
CA ARG A 96 22.76 -3.74 -18.44
C ARG A 96 21.98 -2.89 -17.45
N ALA A 97 21.20 -1.93 -17.94
CA ALA A 97 20.37 -1.13 -17.04
C ALA A 97 19.28 -1.99 -16.41
N ARG A 98 18.59 -2.81 -17.22
CA ARG A 98 17.58 -3.69 -16.68
C ARG A 98 18.17 -4.66 -15.65
N HIS A 99 19.39 -5.13 -15.89
CA HIS A 99 19.99 -6.12 -14.99
C HIS A 99 20.35 -5.51 -13.65
N SER A 100 20.66 -4.21 -13.59
CA SER A 100 20.85 -3.53 -12.31
C SER A 100 19.62 -3.65 -11.43
N LEU A 101 18.43 -3.55 -12.01
CA LEU A 101 17.21 -3.73 -11.21
C LEU A 101 17.12 -5.13 -10.63
N GLU A 102 17.62 -6.14 -11.36
CA GLU A 102 17.63 -7.52 -10.88
C GLU A 102 18.72 -7.76 -9.84
N LEU A 103 19.79 -6.97 -9.84
CA LEU A 103 20.78 -7.08 -8.78
C LEU A 103 20.33 -6.43 -7.47
N ALA A 104 19.39 -5.49 -7.52
CA ALA A 104 19.08 -4.67 -6.36
C ALA A 104 18.40 -5.46 -5.24
N GLY A 105 18.75 -5.11 -4.00
CA GLY A 105 17.99 -5.65 -2.88
C GLY A 105 16.61 -5.00 -2.77
N GLN A 106 16.55 -3.69 -2.95
CA GLN A 106 15.30 -2.94 -2.90
C GLN A 106 15.32 -1.96 -4.05
N LEU A 107 14.15 -1.69 -4.64
CA LEU A 107 14.00 -0.66 -5.66
C LEU A 107 13.13 0.44 -5.08
N VAL A 108 13.43 1.69 -5.46
CA VAL A 108 12.69 2.86 -4.99
C VAL A 108 12.07 3.58 -6.19
N VAL A 109 10.77 3.82 -6.13
CA VAL A 109 10.10 4.72 -7.07
C VAL A 109 9.66 5.98 -6.33
N LEU A 110 9.27 7.00 -7.10
CA LEU A 110 9.08 8.34 -6.56
C LEU A 110 7.62 8.72 -6.31
N GLN A 111 6.67 7.84 -6.61
CA GLN A 111 5.26 8.07 -6.35
C GLN A 111 4.54 6.73 -6.51
N ASP A 112 3.30 6.67 -5.99
CA ASP A 112 2.68 5.39 -5.71
C ASP A 112 2.15 4.67 -6.94
N LEU A 113 2.43 5.15 -8.16
CA LEU A 113 2.16 4.38 -9.36
C LEU A 113 3.41 3.97 -10.11
N GLY A 114 4.60 4.37 -9.64
CA GLY A 114 5.82 4.00 -10.34
C GLY A 114 6.07 2.51 -10.42
N ALA A 115 5.43 1.72 -9.55
CA ALA A 115 5.73 0.30 -9.50
C ALA A 115 4.95 -0.49 -10.54
N GLU A 116 3.85 0.05 -11.05
CA GLU A 116 3.05 -0.64 -12.06
C GLU A 116 3.74 -0.63 -13.42
N ALA A 117 4.74 0.22 -13.60
CA ALA A 117 5.55 0.11 -14.81
C ALA A 117 6.47 -1.12 -14.78
N LEU A 118 6.47 -1.91 -13.72
CA LEU A 118 7.49 -2.96 -13.58
C LEU A 118 6.87 -4.35 -13.54
N PRO A 119 7.58 -5.34 -14.09
CA PRO A 119 7.11 -6.74 -14.01
C PRO A 119 6.94 -7.19 -12.57
N PRO A 120 6.10 -8.21 -12.33
CA PRO A 120 5.86 -8.67 -10.95
C PRO A 120 7.12 -9.01 -10.18
N ALA A 121 8.09 -9.66 -10.82
CA ALA A 121 9.30 -10.09 -10.09
C ALA A 121 10.07 -8.89 -9.56
N LEU A 122 10.01 -7.75 -10.25
CA LEU A 122 10.66 -6.54 -9.74
C LEU A 122 9.76 -5.72 -8.84
N ARG A 123 8.45 -5.75 -9.09
CA ARG A 123 7.49 -4.98 -8.29
C ARG A 123 7.49 -5.41 -6.83
N GLY A 124 7.66 -6.70 -6.57
CA GLY A 124 7.56 -7.19 -5.20
C GLY A 124 8.63 -6.68 -4.27
N LYS A 125 9.74 -6.17 -4.81
CA LYS A 125 10.78 -5.58 -3.98
C LYS A 125 10.88 -4.06 -4.13
N THR A 126 9.80 -3.42 -4.60
CA THR A 126 9.76 -1.98 -4.81
C THR A 126 8.98 -1.31 -3.70
N ARG A 127 9.50 -0.17 -3.23
CA ARG A 127 8.81 0.67 -2.27
C ARG A 127 8.79 2.09 -2.80
N VAL A 128 7.82 2.87 -2.32
CA VAL A 128 7.64 4.26 -2.71
C VAL A 128 8.34 5.16 -1.71
N ILE A 129 9.16 6.10 -2.22
CA ILE A 129 9.67 7.22 -1.42
C ILE A 129 9.48 8.50 -2.23
N TYR A 130 8.45 9.27 -1.88
CA TYR A 130 8.27 10.58 -2.48
C TYR A 130 9.48 11.47 -2.19
N GLN A 131 9.82 12.30 -3.17
CA GLN A 131 10.78 13.37 -2.95
C GLN A 131 10.22 14.39 -1.98
N SER A 132 11.07 15.32 -1.57
CA SER A 132 10.62 16.37 -0.67
C SER A 132 11.32 17.68 -1.02
N THR A 133 10.75 18.77 -0.55
CA THR A 133 11.29 20.11 -0.69
C THR A 133 10.70 20.94 0.43
N PRO A 134 11.43 21.95 0.94
CA PRO A 134 10.82 22.82 1.95
C PRO A 134 9.68 23.62 1.34
N SER A 135 8.63 23.84 2.13
CA SER A 135 7.50 24.60 1.62
C SER A 135 7.89 26.07 1.48
N GLN A 136 7.18 26.77 0.59
CA GLN A 136 7.37 28.19 0.35
C GLN A 136 6.03 28.88 0.49
N ALA A 137 6.04 30.07 1.09
CA ALA A 137 4.80 30.83 1.25
C ALA A 137 4.24 31.20 -0.11
N ALA A 138 2.91 31.19 -0.21
CA ALA A 138 2.27 31.52 -1.49
C ALA A 138 2.52 32.97 -1.89
N ALA A 139 2.78 33.19 -3.17
CA ALA A 139 3.00 34.55 -3.62
C ALA A 139 1.67 35.26 -3.87
N SER A 140 1.69 36.58 -3.70
CA SER A 140 0.62 37.42 -4.22
C SER A 140 0.68 37.37 -5.74
N LYS A 141 -0.49 37.37 -6.39
CA LYS A 141 -0.56 37.20 -7.84
C LYS A 141 -1.67 38.09 -8.37
N PRO A 142 -1.52 38.66 -9.56
CA PRO A 142 -2.55 39.58 -10.04
C PRO A 142 -3.80 38.83 -10.48
N ASP A 143 -4.94 39.51 -10.44
CA ASP A 143 -6.18 38.90 -10.93
C ASP A 143 -6.63 39.48 -12.27
N THR A 144 -5.79 40.29 -12.91
CA THR A 144 -6.10 40.83 -14.23
C THR A 144 -5.55 39.98 -15.36
N VAL A 145 -4.76 38.95 -15.06
CA VAL A 145 -4.21 38.06 -16.07
C VAL A 145 -3.95 36.72 -15.41
N LEU A 146 -4.04 35.65 -16.18
CA LEU A 146 -3.64 34.32 -15.73
C LEU A 146 -2.26 34.01 -16.32
N GLN A 147 -1.29 33.75 -15.45
CA GLN A 147 0.07 33.43 -15.88
C GLN A 147 0.33 31.96 -15.60
N ALA A 148 0.43 31.18 -16.67
CA ALA A 148 0.78 29.77 -16.64
C ALA A 148 2.27 29.61 -16.92
N LEU A 149 2.83 28.51 -16.46
CA LEU A 149 4.25 28.23 -16.59
C LEU A 149 4.42 26.74 -16.81
N MET A 150 5.26 26.39 -17.77
CA MET A 150 5.70 25.01 -17.97
C MET A 150 7.22 24.98 -17.92
N VAL A 151 7.76 23.91 -17.36
CA VAL A 151 9.18 23.82 -17.02
C VAL A 151 9.68 22.46 -17.47
N GLY A 152 10.70 22.46 -18.34
CA GLY A 152 11.38 21.24 -18.70
C GLY A 152 12.15 21.42 -19.99
N HIS A 153 13.37 20.88 -20.06
CA HIS A 153 14.14 21.05 -21.29
C HIS A 153 13.34 20.50 -22.47
N LEU A 154 13.55 21.12 -23.63
CA LEU A 154 12.79 20.75 -24.81
C LEU A 154 13.27 19.41 -25.38
N ARG A 155 12.60 18.35 -24.94
CA ARG A 155 12.72 17.00 -25.44
C ARG A 155 11.32 16.50 -25.72
N GLU A 156 11.20 15.59 -26.69
CA GLU A 156 9.87 15.17 -27.13
C GLU A 156 9.08 14.54 -25.99
N VAL A 157 9.75 13.87 -25.05
CA VAL A 157 9.02 13.23 -23.95
C VAL A 157 8.29 14.27 -23.10
N LYS A 158 8.72 15.52 -23.12
CA LYS A 158 8.06 16.58 -22.36
C LYS A 158 6.80 17.11 -23.05
N SER A 159 6.58 16.74 -24.32
CA SER A 159 5.45 17.17 -25.16
C SER A 159 5.29 18.68 -25.26
N PRO A 160 6.36 19.46 -25.42
CA PRO A 160 6.16 20.91 -25.54
C PRO A 160 5.29 21.29 -26.72
N GLN A 161 5.17 20.43 -27.73
CA GLN A 161 4.29 20.74 -28.84
C GLN A 161 2.83 20.87 -28.41
N THR A 162 2.42 20.20 -27.32
CA THR A 162 1.08 20.43 -26.77
C THR A 162 0.91 21.88 -26.31
N LEU A 163 1.93 22.41 -25.64
CA LEU A 163 1.84 23.78 -25.16
C LEU A 163 1.91 24.77 -26.31
N PHE A 164 2.71 24.47 -27.34
CA PHE A 164 2.76 25.35 -28.50
C PHE A 164 1.39 25.48 -29.13
N GLN A 165 0.71 24.34 -29.34
CA GLN A 165 -0.61 24.37 -29.96
C GLN A 165 -1.65 25.04 -29.05
N ALA A 166 -1.54 24.87 -27.73
CA ALA A 166 -2.48 25.54 -26.84
C ALA A 166 -2.30 27.05 -26.93
N ALA A 167 -1.04 27.51 -27.00
CA ALA A 167 -0.79 28.94 -27.12
C ALA A 167 -1.42 29.50 -28.39
N ARG A 168 -1.36 28.75 -29.49
CA ARG A 168 -1.98 29.20 -30.73
C ARG A 168 -3.50 29.23 -30.61
N LEU A 169 -4.10 28.17 -30.06
CA LEU A 169 -5.55 28.17 -29.85
C LEU A 169 -6.00 29.36 -28.99
N LEU A 170 -5.12 29.84 -28.12
CA LEU A 170 -5.46 30.89 -27.17
C LEU A 170 -5.02 32.28 -27.61
N ALA A 171 -4.57 32.44 -28.86
CA ALA A 171 -4.01 33.73 -29.25
C ALA A 171 -5.02 34.87 -29.24
N GLY A 172 -6.32 34.55 -29.24
CA GLY A 172 -7.33 35.57 -29.04
C GLY A 172 -7.62 35.96 -27.60
N HIS A 173 -6.92 35.38 -26.63
CA HIS A 173 -7.17 35.61 -25.21
C HIS A 173 -6.01 36.40 -24.63
N ASP A 174 -6.13 37.73 -24.65
CA ASP A 174 -5.01 38.57 -24.19
C ASP A 174 -4.87 38.60 -22.67
N ASP A 175 -5.78 37.96 -21.93
CA ASP A 175 -5.66 37.88 -20.48
C ASP A 175 -5.10 36.54 -20.04
N ILE A 176 -4.54 35.75 -20.94
CA ILE A 176 -3.90 34.47 -20.61
C ILE A 176 -2.48 34.48 -21.17
N ARG A 177 -1.51 34.23 -20.31
CA ARG A 177 -0.10 34.24 -20.69
C ARG A 177 0.51 32.87 -20.40
N ILE A 178 1.53 32.52 -21.18
CA ILE A 178 2.24 31.25 -21.02
C ILE A 178 3.73 31.54 -21.05
N ASP A 179 4.41 31.25 -19.94
CA ASP A 179 5.87 31.26 -19.87
C ASP A 179 6.37 29.83 -19.97
N HIS A 180 7.56 29.66 -20.56
CA HIS A 180 8.05 28.32 -20.86
C HIS A 180 9.55 28.27 -20.59
N ILE A 181 9.94 27.53 -19.56
CA ILE A 181 11.34 27.40 -19.17
C ILE A 181 11.86 26.06 -19.66
N GLY A 182 13.04 26.09 -20.27
CA GLY A 182 13.68 24.86 -20.67
C GLY A 182 14.74 25.04 -21.75
N GLU A 183 15.90 24.41 -21.55
CA GLU A 183 16.97 24.43 -22.53
C GLU A 183 16.55 23.74 -23.82
N ALA A 184 17.00 24.26 -24.96
CA ALA A 184 16.63 23.74 -26.28
C ALA A 184 17.54 22.58 -26.70
N LEU A 185 17.47 21.49 -25.93
CA LEU A 185 18.31 20.33 -26.17
C LEU A 185 17.99 19.68 -27.52
N ASP A 186 16.72 19.70 -27.93
CA ASP A 186 16.30 19.29 -29.27
C ASP A 186 16.11 20.56 -30.08
N PRO A 187 17.03 20.88 -30.99
CA PRO A 187 16.94 22.18 -31.66
C PRO A 187 15.69 22.33 -32.52
N VAL A 188 15.12 21.24 -33.06
CA VAL A 188 13.87 21.37 -33.80
C VAL A 188 12.77 21.89 -32.88
N LEU A 189 12.65 21.28 -31.68
CA LEU A 189 11.68 21.79 -30.72
C LEU A 189 12.01 23.23 -30.31
N GLY A 190 13.30 23.60 -30.33
CA GLY A 190 13.64 25.00 -30.02
C GLY A 190 13.13 25.97 -31.08
N GLU A 191 13.34 25.62 -32.36
CA GLU A 191 12.76 26.42 -33.45
C GLU A 191 11.25 26.59 -33.30
N GLN A 192 10.55 25.51 -32.94
CA GLN A 192 9.10 25.62 -32.75
C GLN A 192 8.76 26.52 -31.56
N ALA A 193 9.58 26.52 -30.52
CA ALA A 193 9.38 27.50 -29.45
C ALA A 193 9.48 28.91 -29.98
N LEU A 194 10.49 29.16 -30.82
CA LEU A 194 10.72 30.48 -31.38
C LEU A 194 9.59 30.89 -32.30
N ALA A 195 9.12 29.96 -33.13
CA ALA A 195 7.99 30.26 -34.01
C ALA A 195 6.73 30.59 -33.21
N THR A 196 6.46 29.82 -32.14
CA THR A 196 5.30 30.08 -31.32
C THR A 196 5.38 31.46 -30.70
N GLN A 197 6.55 31.80 -30.15
CA GLN A 197 6.78 33.13 -29.59
C GLN A 197 6.63 34.23 -30.65
N ARG A 198 7.12 33.98 -31.85
CA ARG A 198 6.95 34.92 -32.96
C ARG A 198 5.47 35.18 -33.21
N ASP A 199 4.67 34.12 -33.26
CA ASP A 199 3.29 34.26 -33.70
C ASP A 199 2.31 34.56 -32.59
N CYS A 200 2.68 34.29 -31.33
CA CYS A 200 1.79 34.41 -30.17
C CYS A 200 2.45 35.26 -29.10
N PRO A 201 2.18 36.57 -29.10
CA PRO A 201 2.85 37.46 -28.13
C PRO A 201 2.63 37.07 -26.67
N ASN A 202 1.54 36.37 -26.34
CA ASN A 202 1.30 36.00 -24.96
C ASN A 202 2.11 34.79 -24.53
N TYR A 203 2.80 34.14 -25.45
CA TYR A 203 3.67 33.00 -25.15
C TYR A 203 5.11 33.47 -25.12
N ARG A 204 5.84 33.10 -24.05
CA ARG A 204 7.24 33.44 -23.86
C ARG A 204 8.05 32.17 -23.59
N TRP A 205 9.06 31.91 -24.42
CA TRP A 205 10.05 30.89 -24.11
C TRP A 205 11.26 31.55 -23.45
N LEU A 206 11.51 31.18 -22.18
CA LEU A 206 12.56 31.80 -21.38
C LEU A 206 13.89 31.07 -21.47
N GLY A 207 13.95 29.88 -22.08
CA GLY A 207 15.21 29.18 -22.20
C GLY A 207 15.65 28.52 -20.90
N ALA A 208 16.94 28.23 -20.82
CA ALA A 208 17.49 27.52 -19.67
C ALA A 208 17.68 28.52 -18.54
N LEU A 209 17.08 28.25 -17.38
CA LEU A 209 17.21 29.10 -16.20
C LEU A 209 17.84 28.33 -15.04
N PRO A 210 18.55 29.01 -14.15
CA PRO A 210 19.04 28.35 -12.92
C PRO A 210 17.90 27.82 -12.07
N HIS A 211 18.23 26.84 -11.23
CA HIS A 211 17.22 26.19 -10.41
C HIS A 211 16.49 27.19 -9.51
N ASP A 212 17.23 28.13 -8.92
CA ASP A 212 16.63 29.07 -7.98
C ASP A 212 15.68 30.02 -8.69
N GLY A 213 16.02 30.44 -9.91
CA GLY A 213 15.11 31.29 -10.66
C GLY A 213 13.85 30.53 -11.08
N THR A 214 14.01 29.29 -11.52
CA THR A 214 12.85 28.48 -11.89
C THR A 214 11.93 28.25 -10.70
N ARG A 215 12.50 27.91 -9.54
CA ARG A 215 11.69 27.74 -8.34
C ARG A 215 10.90 28.99 -8.03
N GLU A 216 11.51 30.17 -8.15
CA GLU A 216 10.77 31.38 -7.86
C GLU A 216 9.65 31.63 -8.88
N ARG A 217 9.92 31.40 -10.17
CA ARG A 217 8.85 31.56 -11.16
C ARG A 217 7.73 30.54 -11.00
N ILE A 218 8.04 29.31 -10.55
CA ILE A 218 6.96 28.40 -10.19
C ILE A 218 6.04 29.06 -9.17
N ARG A 219 6.63 29.56 -8.09
CA ARG A 219 5.87 30.15 -7.00
C ARG A 219 5.04 31.33 -7.48
N CYS A 220 5.59 32.13 -8.40
CA CYS A 220 4.92 33.34 -8.86
C CYS A 220 3.81 33.09 -9.88
N ALA A 221 3.86 31.99 -10.62
CA ALA A 221 2.80 31.73 -11.61
C ALA A 221 1.47 31.37 -10.93
N HIS A 222 0.38 31.61 -11.67
CA HIS A 222 -0.92 31.14 -11.19
C HIS A 222 -1.03 29.62 -11.30
N LEU A 223 -0.35 29.01 -12.28
CA LEU A 223 -0.45 27.55 -12.41
C LEU A 223 0.73 27.00 -13.20
N LEU A 224 1.05 25.76 -12.90
CA LEU A 224 2.07 25.03 -13.63
C LEU A 224 1.37 24.10 -14.59
N VAL A 225 1.82 24.08 -15.85
CA VAL A 225 1.37 23.10 -16.82
C VAL A 225 2.52 22.11 -16.99
N HIS A 226 2.19 20.81 -16.86
CA HIS A 226 3.15 19.73 -17.08
C HIS A 226 2.50 18.71 -18.02
N ALA A 227 2.99 18.66 -19.27
CA ALA A 227 2.30 17.97 -20.34
C ALA A 227 2.92 16.64 -20.75
N SER A 228 3.89 16.12 -20.00
CA SER A 228 4.79 15.09 -20.49
C SER A 228 4.05 13.80 -20.86
N ALA A 229 4.68 13.03 -21.75
CA ALA A 229 4.15 11.74 -22.19
C ALA A 229 4.41 10.63 -21.17
N MET A 230 5.47 10.73 -20.39
CA MET A 230 5.67 9.81 -19.28
C MET A 230 6.41 10.53 -18.16
N GLU A 231 6.36 9.98 -16.96
CA GLU A 231 7.05 10.60 -15.84
C GLU A 231 7.31 9.56 -14.77
N GLY A 232 8.46 9.65 -14.13
CA GLY A 232 8.67 8.90 -12.91
C GLY A 232 8.25 9.62 -11.65
N GLY A 233 7.96 10.92 -11.74
CA GLY A 233 7.56 11.72 -10.60
C GLY A 233 8.16 13.12 -10.67
N ALA A 234 7.48 14.04 -11.35
CA ALA A 234 8.09 15.31 -11.73
C ALA A 234 8.42 16.16 -10.51
N HIS A 235 9.71 16.50 -10.39
CA HIS A 235 10.18 17.41 -9.36
C HIS A 235 9.41 18.72 -9.37
N VAL A 236 9.07 19.23 -10.56
CA VAL A 236 8.45 20.56 -10.64
C VAL A 236 7.00 20.53 -10.22
N ILE A 237 6.34 19.38 -10.25
CA ILE A 237 4.98 19.30 -9.70
C ILE A 237 5.04 19.35 -8.17
N MET A 238 6.03 18.70 -7.56
CA MET A 238 6.23 18.82 -6.13
C MET A 238 6.51 20.27 -5.73
N GLU A 239 7.40 20.94 -6.48
CA GLU A 239 7.72 22.33 -6.15
C GLU A 239 6.46 23.19 -6.21
N ALA A 240 5.63 23.01 -7.24
CA ALA A 240 4.42 23.82 -7.38
C ALA A 240 3.47 23.59 -6.21
N VAL A 241 3.20 22.33 -5.92
CA VAL A 241 2.31 21.95 -4.83
C VAL A 241 2.78 22.54 -3.51
N CYS A 242 4.07 22.45 -3.23
CA CYS A 242 4.61 22.98 -1.98
C CYS A 242 4.83 24.49 -2.02
N SER A 243 4.45 25.18 -3.10
CA SER A 243 4.57 26.63 -3.17
C SER A 243 3.22 27.32 -3.34
N GLY A 244 2.11 26.60 -3.26
CA GLY A 244 0.81 27.21 -3.46
C GLY A 244 0.47 27.51 -4.90
N THR A 245 1.03 26.77 -5.84
CA THR A 245 0.75 26.94 -7.27
C THR A 245 0.14 25.65 -7.79
N PRO A 246 -1.14 25.63 -8.18
CA PRO A 246 -1.76 24.38 -8.64
C PRO A 246 -1.34 24.05 -10.06
N VAL A 247 -1.72 22.85 -10.50
CA VAL A 247 -1.17 22.21 -11.69
C VAL A 247 -2.28 21.83 -12.68
N LEU A 248 -1.98 21.98 -13.97
CA LEU A 248 -2.69 21.29 -15.04
C LEU A 248 -1.74 20.24 -15.62
N ALA A 249 -2.14 18.97 -15.60
CA ALA A 249 -1.24 17.87 -15.85
C ALA A 249 -1.82 16.90 -16.87
N SER A 250 -0.95 16.39 -17.76
CA SER A 250 -1.32 15.29 -18.62
C SER A 250 -1.66 14.05 -17.77
N ARG A 251 -2.72 13.34 -18.18
CA ARG A 251 -3.26 12.22 -17.41
C ARG A 251 -2.44 10.97 -17.72
N ILE A 252 -1.28 10.88 -17.08
CA ILE A 252 -0.35 9.76 -17.25
C ILE A 252 -0.05 9.24 -15.85
N PRO A 253 0.31 7.95 -15.70
CA PRO A 253 0.57 7.40 -14.35
C PRO A 253 1.55 8.21 -13.49
N GLY A 254 2.65 8.71 -14.07
CA GLY A 254 3.60 9.47 -13.27
C GLY A 254 3.05 10.78 -12.73
N ASN A 255 2.07 11.37 -13.42
CA ASN A 255 1.43 12.57 -12.89
C ASN A 255 0.34 12.20 -11.88
N VAL A 256 -0.43 11.16 -12.16
CA VAL A 256 -1.49 10.78 -11.23
C VAL A 256 -0.91 10.42 -9.87
N GLY A 257 0.25 9.77 -9.86
CA GLY A 257 0.89 9.42 -8.61
C GLY A 257 1.30 10.63 -7.80
N MET A 258 1.67 11.72 -8.49
CA MET A 258 2.03 12.98 -7.83
C MET A 258 0.78 13.67 -7.29
N LEU A 259 -0.28 13.72 -8.10
CA LEU A 259 -1.40 14.63 -7.83
C LEU A 259 -2.68 13.95 -7.36
N GLY A 260 -2.84 12.65 -7.56
CA GLY A 260 -3.97 11.91 -7.02
C GLY A 260 -4.99 11.49 -8.06
N ALA A 261 -5.58 10.30 -7.85
CA ALA A 261 -6.56 9.78 -8.79
C ALA A 261 -7.80 10.68 -8.89
N ASP A 262 -8.10 11.45 -7.85
CA ASP A 262 -9.29 12.29 -7.81
C ASP A 262 -9.04 13.73 -8.24
N TYR A 263 -7.83 14.04 -8.69
CA TYR A 263 -7.46 15.42 -9.00
C TYR A 263 -8.27 15.95 -10.18
N ALA A 264 -8.71 17.23 -10.09
CA ALA A 264 -9.60 17.83 -11.11
C ALA A 264 -8.86 18.50 -12.26
N GLY A 265 -7.54 18.44 -12.31
CA GLY A 265 -6.80 19.20 -13.29
C GLY A 265 -6.06 18.40 -14.35
N TYR A 266 -6.51 17.18 -14.65
CA TYR A 266 -5.89 16.44 -15.74
C TYR A 266 -6.48 16.83 -17.09
N PHE A 267 -5.68 16.67 -18.13
CA PHE A 267 -6.13 16.69 -19.51
C PHE A 267 -5.51 15.50 -20.23
N THR A 268 -6.25 14.95 -21.19
CA THR A 268 -5.74 13.86 -22.03
C THR A 268 -4.41 14.23 -22.68
N HIS A 269 -3.43 13.33 -22.60
CA HIS A 269 -2.11 13.65 -23.13
C HIS A 269 -2.21 13.93 -24.63
N GLY A 270 -1.45 14.92 -25.10
CA GLY A 270 -1.52 15.33 -26.49
C GLY A 270 -2.70 16.21 -26.87
N ASP A 271 -3.72 16.34 -26.02
CA ASP A 271 -4.95 17.07 -26.34
C ASP A 271 -4.80 18.56 -26.02
N ALA A 272 -4.34 19.32 -27.02
CA ALA A 272 -4.07 20.73 -26.82
C ALA A 272 -5.34 21.56 -26.67
N ALA A 273 -6.44 21.13 -27.31
CA ALA A 273 -7.71 21.83 -27.11
C ALA A 273 -8.20 21.70 -25.67
N ALA A 274 -8.01 20.53 -25.04
CA ALA A 274 -8.47 20.37 -23.67
C ALA A 274 -7.62 21.15 -22.69
N LEU A 275 -6.32 21.25 -22.97
CA LEU A 275 -5.44 22.10 -22.17
C LEU A 275 -5.85 23.56 -22.27
N ALA A 276 -6.08 24.04 -23.50
CA ALA A 276 -6.50 25.42 -23.71
C ALA A 276 -7.79 25.72 -22.97
N ALA A 277 -8.77 24.80 -23.06
CA ALA A 277 -10.07 25.01 -22.42
C ALA A 277 -9.93 25.10 -20.89
N LEU A 278 -9.05 24.26 -20.31
CA LEU A 278 -8.81 24.31 -18.87
C LEU A 278 -8.15 25.63 -18.47
N LEU A 279 -7.29 26.15 -19.35
CA LEU A 279 -6.69 27.47 -19.12
C LEU A 279 -7.76 28.56 -19.12
N VAL A 280 -8.69 28.52 -20.09
CA VAL A 280 -9.77 29.50 -20.12
C VAL A 280 -10.63 29.38 -18.87
N ARG A 281 -10.91 28.14 -18.43
CA ARG A 281 -11.68 27.94 -17.20
C ARG A 281 -10.96 28.50 -15.99
N CYS A 282 -9.64 28.31 -15.92
CA CYS A 282 -8.90 28.82 -14.77
C CYS A 282 -8.85 30.35 -14.78
N ARG A 283 -8.67 30.95 -15.96
CA ARG A 283 -8.83 32.40 -16.09
C ARG A 283 -10.16 32.86 -15.52
N GLN A 284 -11.22 32.08 -15.76
CA GLN A 284 -12.56 32.40 -15.26
C GLN A 284 -12.70 32.18 -13.76
N GLY A 285 -11.67 31.61 -13.12
CA GLY A 285 -11.66 31.49 -11.68
C GLY A 285 -11.11 32.68 -10.93
N GLN A 286 -10.58 33.69 -11.62
CA GLN A 286 -9.93 34.80 -10.94
C GLN A 286 -10.94 35.87 -10.57
N ALA A 287 -10.73 36.50 -9.42
CA ALA A 287 -11.59 37.61 -8.99
C ALA A 287 -10.83 38.56 -8.08
N VAL A 292 -16.39 36.32 -5.17
CA VAL A 292 -16.94 35.05 -5.62
C VAL A 292 -16.52 34.77 -7.06
N PRO A 293 -15.67 33.75 -7.25
CA PRO A 293 -15.19 33.43 -8.61
C PRO A 293 -16.28 32.84 -9.49
N ALA A 294 -16.31 33.30 -10.75
CA ALA A 294 -17.31 32.84 -11.70
C ALA A 294 -17.19 31.35 -11.99
N ASP A 295 -15.98 30.80 -11.92
CA ASP A 295 -15.76 29.39 -12.21
C ASP A 295 -15.01 28.77 -11.05
N PRO A 296 -15.52 27.70 -10.44
CA PRO A 296 -14.89 27.14 -9.22
C PRO A 296 -13.67 26.27 -9.47
N LEU A 297 -13.30 25.99 -10.72
CA LEU A 297 -12.23 25.00 -10.96
C LEU A 297 -10.91 25.42 -10.35
N LEU A 298 -10.49 26.68 -10.57
CA LEU A 298 -9.18 27.10 -10.08
C LEU A 298 -9.06 26.95 -8.57
N ALA A 299 -10.08 27.40 -7.82
CA ALA A 299 -10.02 27.21 -6.38
C ALA A 299 -10.00 25.73 -6.01
N ARG A 300 -10.70 24.89 -6.78
CA ARG A 300 -10.70 23.46 -6.48
C ARG A 300 -9.31 22.86 -6.68
N LEU A 301 -8.65 23.22 -7.78
CA LEU A 301 -7.28 22.77 -7.98
C LEU A 301 -6.39 23.20 -6.79
N GLY A 302 -6.60 24.42 -6.29
CA GLY A 302 -5.77 24.89 -5.19
C GLY A 302 -5.95 24.07 -3.93
N ALA A 303 -7.20 23.75 -3.60
CA ALA A 303 -7.47 23.02 -2.37
C ALA A 303 -6.98 21.58 -2.48
N GLN A 304 -7.10 20.97 -3.65
CA GLN A 304 -6.61 19.60 -3.84
C GLN A 304 -5.08 19.52 -3.74
N CYS A 305 -4.37 20.46 -4.37
CA CYS A 305 -2.91 20.48 -4.28
C CYS A 305 -2.44 20.68 -2.83
N ALA A 306 -3.11 21.57 -2.08
CA ALA A 306 -2.78 21.73 -0.67
C ALA A 306 -2.87 20.41 0.08
N LEU A 307 -3.91 19.60 -0.20
CA LEU A 307 -4.04 18.29 0.42
C LEU A 307 -2.91 17.32 0.00
N ARG A 308 -2.31 17.51 -1.19
CA ARG A 308 -1.21 16.63 -1.60
C ARG A 308 0.12 17.02 -0.97
N ALA A 309 0.27 18.29 -0.59
CA ALA A 309 1.57 18.80 -0.12
C ALA A 309 2.20 18.02 1.03
N PRO A 310 1.47 17.53 2.06
CA PRO A 310 2.16 16.77 3.12
C PRO A 310 2.99 15.59 2.60
N LEU A 311 2.68 15.05 1.42
CA LEU A 311 3.46 13.92 0.91
C LEU A 311 4.92 14.28 0.67
N PHE A 312 5.21 15.56 0.49
CA PHE A 312 6.54 16.04 0.12
C PHE A 312 7.26 16.72 1.29
N ALA A 313 6.78 16.54 2.50
CA ALA A 313 7.44 17.16 3.65
C ALA A 313 8.82 16.55 3.82
N PRO A 314 9.86 17.35 4.03
CA PRO A 314 11.20 16.78 4.23
C PRO A 314 11.24 15.69 5.31
N GLU A 315 10.44 15.83 6.36
CA GLU A 315 10.50 14.89 7.49
C GLU A 315 9.99 13.52 7.08
N ALA A 316 8.95 13.48 6.22
CA ALA A 316 8.48 12.20 5.69
C ALA A 316 9.55 11.48 4.86
N GLU A 317 10.27 12.22 4.01
CA GLU A 317 11.29 11.56 3.19
C GLU A 317 12.48 11.14 4.05
N ARG A 318 12.86 11.97 5.01
CA ARG A 318 13.92 11.60 5.94
C ARG A 318 13.59 10.30 6.66
N ALA A 319 12.38 10.21 7.20
CA ALA A 319 11.97 9.01 7.92
C ALA A 319 11.96 7.78 7.01
N ALA A 320 11.44 7.94 5.79
CA ALA A 320 11.40 6.82 4.85
C ALA A 320 12.80 6.40 4.41
N LEU A 321 13.71 7.36 4.23
CA LEU A 321 15.09 7.02 3.84
C LEU A 321 15.82 6.26 4.95
N LEU A 322 15.67 6.69 6.20
CA LEU A 322 16.31 5.99 7.30
C LEU A 322 15.74 4.58 7.46
N ARG A 323 14.43 4.42 7.22
CA ARG A 323 13.84 3.08 7.23
C ARG A 323 14.47 2.19 6.17
N LEU A 324 14.66 2.74 4.95
CA LEU A 324 15.35 2.00 3.89
C LEU A 324 16.75 1.61 4.33
N VAL A 325 17.55 2.57 4.81
CA VAL A 325 18.91 2.27 5.21
C VAL A 325 18.92 1.21 6.32
N ALA A 326 18.00 1.31 7.28
CA ALA A 326 17.91 0.30 8.34
C ALA A 326 17.58 -1.07 7.77
N ASP A 327 16.58 -1.14 6.90
CA ASP A 327 16.20 -2.41 6.27
C ASP A 327 17.37 -3.05 5.54
N LEU A 328 18.29 -2.24 4.99
CA LEU A 328 19.41 -2.70 4.19
C LEU A 328 20.63 -3.08 5.02
N MET A 329 20.67 -2.72 6.29
CA MET A 329 21.84 -2.98 7.13
C MET A 329 22.00 -4.46 7.56
N SER B 2 23.23 -26.08 0.26
CA SER B 2 22.50 -26.35 -0.97
C SER B 2 21.17 -25.59 -0.99
N ARG B 3 20.48 -25.64 0.15
CA ARG B 3 19.18 -25.04 0.28
C ARG B 3 19.16 -24.15 1.52
N PRO B 4 18.48 -23.01 1.46
CA PRO B 4 18.43 -22.13 2.64
C PRO B 4 17.72 -22.83 3.79
N SER B 5 18.29 -22.66 4.98
CA SER B 5 17.76 -23.27 6.19
C SER B 5 16.86 -22.28 6.91
N VAL B 6 15.58 -22.64 7.06
CA VAL B 6 14.54 -21.76 7.58
C VAL B 6 13.89 -22.43 8.77
N ALA B 7 13.87 -21.73 9.91
CA ALA B 7 13.19 -22.21 11.11
C ALA B 7 11.85 -21.51 11.25
N ILE B 8 10.79 -22.29 11.41
CA ILE B 8 9.47 -21.76 11.74
C ILE B 8 9.23 -22.04 13.22
N VAL B 9 9.11 -21.00 14.03
CA VAL B 9 8.96 -21.16 15.47
C VAL B 9 7.48 -21.11 15.82
N SER B 10 6.96 -22.24 16.31
CA SER B 10 5.56 -22.38 16.66
C SER B 10 5.39 -23.18 17.95
N PRO B 11 4.71 -22.65 18.98
CA PRO B 11 4.28 -23.42 20.15
C PRO B 11 3.82 -24.84 19.83
N ASN B 20 -1.52 -29.38 6.87
CA ASN B 20 -2.90 -28.94 7.00
C ASN B 20 -3.07 -27.41 6.84
N TRP B 21 -4.00 -26.86 7.60
CA TRP B 21 -4.49 -25.51 7.41
C TRP B 21 -3.80 -24.47 8.26
N GLN B 22 -3.27 -24.83 9.42
CA GLN B 22 -2.68 -23.81 10.28
C GLN B 22 -1.36 -23.29 9.73
N THR B 23 -1.02 -22.09 10.19
CA THR B 23 0.01 -21.29 9.54
C THR B 23 1.35 -22.00 9.50
N ALA B 24 1.78 -22.56 10.63
CA ALA B 24 3.08 -23.21 10.71
C ALA B 24 3.21 -24.27 9.61
N ARG B 25 2.19 -25.13 9.49
CA ARG B 25 2.24 -26.20 8.49
C ARG B 25 2.01 -25.67 7.08
N ARG B 26 1.06 -24.74 6.91
CA ARG B 26 0.82 -24.12 5.61
C ARG B 26 2.10 -23.50 5.06
N TRP B 27 2.81 -22.71 5.90
CA TRP B 27 4.03 -22.06 5.47
C TRP B 27 5.14 -23.07 5.22
N GLN B 28 5.18 -24.15 6.00
CA GLN B 28 6.17 -25.19 5.76
C GLN B 28 5.98 -25.83 4.38
N GLU B 29 4.73 -26.09 4.01
CA GLU B 29 4.46 -26.70 2.72
C GLU B 29 4.80 -25.74 1.57
N PHE B 30 4.49 -24.45 1.72
CA PHE B 30 4.89 -23.46 0.71
C PHE B 30 6.41 -23.43 0.52
N LEU B 31 7.18 -23.50 1.60
CA LEU B 31 8.62 -23.30 1.55
C LEU B 31 9.40 -24.58 1.30
N ASP B 32 8.72 -25.73 1.29
CA ASP B 32 9.38 -27.03 1.25
C ASP B 32 10.14 -27.26 -0.06
N GLY B 33 9.71 -26.63 -1.15
CA GLY B 33 10.34 -26.91 -2.44
C GLY B 33 11.74 -26.34 -2.55
N THR B 34 11.95 -25.12 -2.04
CA THR B 34 13.22 -24.42 -2.20
C THR B 34 14.07 -24.37 -0.95
N CYS B 35 13.47 -24.51 0.24
CA CYS B 35 14.18 -24.36 1.51
C CYS B 35 14.21 -25.68 2.28
N ASN B 36 15.24 -25.82 3.12
CA ASN B 36 15.22 -26.83 4.18
C ASN B 36 14.53 -26.16 5.36
N VAL B 37 13.24 -26.42 5.52
CA VAL B 37 12.40 -25.75 6.51
C VAL B 37 11.96 -26.76 7.54
N ARG B 38 11.86 -26.32 8.79
CA ARG B 38 11.43 -27.20 9.87
C ARG B 38 10.68 -26.39 10.92
N MET B 39 9.54 -26.93 11.35
CA MET B 39 8.83 -26.35 12.48
C MET B 39 9.48 -26.79 13.78
N THR B 40 9.60 -25.85 14.70
CA THR B 40 10.21 -26.13 15.98
C THR B 40 9.53 -25.27 17.03
N GLN B 41 9.50 -25.78 18.25
CA GLN B 41 8.83 -25.09 19.34
C GLN B 41 9.72 -24.07 20.03
N ARG B 42 11.01 -24.36 20.16
CA ARG B 42 11.97 -23.45 20.78
C ARG B 42 13.25 -23.43 19.97
N TRP B 43 13.86 -22.25 19.85
CA TRP B 43 15.10 -22.09 19.12
C TRP B 43 16.18 -21.53 20.04
N PRO B 44 17.43 -22.02 19.95
CA PRO B 44 17.98 -23.04 19.03
C PRO B 44 17.67 -24.43 19.50
N ASP B 45 17.57 -25.38 18.57
CA ASP B 45 17.30 -26.77 18.88
C ASP B 45 18.43 -27.65 18.37
N ASP B 46 18.14 -28.93 18.15
CA ASP B 46 19.10 -29.80 17.49
C ASP B 46 19.20 -29.43 16.02
N GLY B 47 20.41 -29.39 15.50
CA GLY B 47 20.61 -28.76 14.22
C GLY B 47 20.56 -27.26 14.43
N SER B 48 19.85 -26.53 13.56
CA SER B 48 19.72 -25.07 13.63
C SER B 48 21.03 -24.35 13.39
N GLN B 49 22.14 -25.07 13.15
CA GLN B 49 23.43 -24.41 12.97
C GLN B 49 23.48 -23.60 11.68
N ASP B 50 22.75 -24.00 10.65
CA ASP B 50 22.82 -23.33 9.35
C ASP B 50 21.61 -22.45 9.08
N ASP B 51 20.76 -22.24 10.08
CA ASP B 51 19.58 -21.41 9.88
C ASP B 51 19.99 -20.01 9.49
N VAL B 52 19.33 -19.47 8.47
CA VAL B 52 19.51 -18.07 8.09
C VAL B 52 18.24 -17.26 8.25
N VAL B 53 17.08 -17.89 8.37
CA VAL B 53 15.81 -17.21 8.50
C VAL B 53 15.06 -17.84 9.66
N MET B 54 14.45 -16.99 10.50
CA MET B 54 13.52 -17.43 11.54
C MET B 54 12.18 -16.76 11.28
N LEU B 55 11.12 -17.56 11.19
CA LEU B 55 9.77 -17.06 11.03
C LEU B 55 9.04 -17.42 12.33
N ALA B 56 8.77 -16.40 13.17
CA ALA B 56 8.34 -16.62 14.56
C ALA B 56 6.87 -16.30 14.68
N LEU B 57 6.07 -17.28 15.08
CA LEU B 57 4.64 -17.13 15.29
C LEU B 57 4.39 -16.90 16.78
N HIS B 58 3.37 -16.12 17.10
CA HIS B 58 2.95 -15.93 18.49
C HIS B 58 4.06 -15.36 19.37
N ALA B 59 4.30 -14.05 19.26
CA ALA B 59 5.44 -13.40 19.90
C ALA B 59 5.54 -13.67 21.41
N ARG B 60 4.40 -13.65 22.12
CA ARG B 60 4.49 -13.84 23.57
C ARG B 60 5.08 -15.20 23.92
N ARG B 61 4.50 -16.29 23.38
CA ARG B 61 4.97 -17.61 23.77
C ARG B 61 6.36 -17.94 23.21
N SER B 62 6.75 -17.30 22.10
CA SER B 62 8.02 -17.56 21.44
C SER B 62 9.05 -16.47 21.72
N ALA B 63 8.86 -15.68 22.78
CA ALA B 63 9.73 -14.54 23.03
C ALA B 63 11.17 -14.97 23.30
N ASP B 64 11.35 -16.06 24.04
CA ASP B 64 12.70 -16.55 24.33
C ASP B 64 13.43 -17.02 23.06
N SER B 65 12.70 -17.56 22.09
CA SER B 65 13.33 -17.95 20.83
C SER B 65 13.74 -16.72 20.03
N ILE B 66 12.89 -15.69 20.04
CA ILE B 66 13.22 -14.46 19.32
C ILE B 66 14.41 -13.77 19.95
N GLU B 67 14.47 -13.74 21.29
CA GLU B 67 15.61 -13.16 21.97
C GLU B 67 16.89 -13.92 21.67
N ALA B 68 16.81 -15.26 21.63
CA ALA B 68 17.98 -16.07 21.30
C ALA B 68 18.50 -15.76 19.91
N TRP B 69 17.58 -15.57 18.96
CA TRP B 69 17.98 -15.27 17.59
C TRP B 69 18.67 -13.92 17.51
N ALA B 70 18.09 -12.90 18.14
CA ALA B 70 18.71 -11.57 18.11
C ALA B 70 20.07 -11.57 18.80
N SER B 71 20.25 -12.38 19.85
CA SER B 71 21.56 -12.40 20.51
C SER B 71 22.64 -12.93 19.57
N VAL B 72 22.25 -13.56 18.47
CA VAL B 72 23.19 -14.14 17.53
C VAL B 72 23.22 -13.40 16.20
N HIS B 73 22.08 -12.83 15.76
CA HIS B 73 21.97 -12.23 14.44
C HIS B 73 21.45 -10.79 14.43
N GLY B 74 21.16 -10.19 15.58
CA GLY B 74 20.35 -8.99 15.52
C GLY B 74 19.00 -9.33 14.93
N ASP B 75 18.47 -8.42 14.12
CA ASP B 75 17.22 -8.72 13.41
C ASP B 75 17.43 -9.33 12.02
N ARG B 76 18.68 -9.60 11.63
CA ARG B 76 18.95 -10.17 10.31
C ARG B 76 18.29 -11.54 10.18
N GLY B 77 17.37 -11.67 9.22
CA GLY B 77 16.67 -12.93 8.99
C GLY B 77 15.44 -13.18 9.84
N LEU B 78 15.01 -12.21 10.65
CA LEU B 78 13.98 -12.42 11.66
C LEU B 78 12.67 -11.74 11.24
N ALA B 79 11.59 -12.53 11.19
CA ALA B 79 10.27 -11.97 10.96
C ALA B 79 9.34 -12.49 12.04
N VAL B 80 8.42 -11.64 12.48
CA VAL B 80 7.42 -12.03 13.47
C VAL B 80 6.04 -11.80 12.87
N VAL B 81 5.17 -12.80 12.97
CA VAL B 81 3.83 -12.78 12.40
C VAL B 81 2.84 -12.43 13.51
N LEU B 82 1.95 -11.48 13.26
CA LEU B 82 1.10 -10.92 14.31
C LEU B 82 -0.37 -11.25 14.07
N THR B 83 -1.05 -11.71 15.12
CA THR B 83 -2.49 -11.91 15.13
C THR B 83 -3.15 -10.85 16.01
N GLY B 84 -4.48 -10.93 16.09
CA GLY B 84 -5.21 -9.95 16.87
C GLY B 84 -4.81 -9.99 18.34
N THR B 85 -4.58 -11.18 18.87
CA THR B 85 -4.07 -11.35 20.23
C THR B 85 -2.78 -10.56 20.44
N ASP B 86 -1.89 -10.57 19.44
CA ASP B 86 -0.64 -9.80 19.52
C ASP B 86 -0.92 -8.30 19.45
N LEU B 87 -1.73 -7.86 18.48
CA LEU B 87 -1.90 -6.44 18.21
C LEU B 87 -2.66 -5.73 19.33
N TYR B 88 -3.76 -6.32 19.81
CA TYR B 88 -4.69 -5.63 20.69
C TYR B 88 -4.62 -6.10 22.15
N GLN B 89 -3.84 -7.13 22.46
CA GLN B 89 -3.75 -7.57 23.84
C GLN B 89 -2.30 -7.73 24.30
N ASP B 90 -1.58 -8.71 23.74
CA ASP B 90 -0.29 -9.10 24.30
C ASP B 90 0.72 -7.96 24.27
N ILE B 91 0.74 -7.19 23.18
CA ILE B 91 1.71 -6.13 23.02
C ILE B 91 1.42 -4.95 23.95
N VAL B 92 0.19 -4.85 24.46
CA VAL B 92 -0.15 -3.79 25.40
C VAL B 92 0.03 -4.20 26.85
N VAL B 93 0.14 -5.51 27.13
CA VAL B 93 0.16 -6.00 28.51
C VAL B 93 1.41 -6.81 28.84
N ASP B 94 2.19 -7.24 27.85
CA ASP B 94 3.33 -8.11 28.10
C ASP B 94 4.61 -7.43 27.61
N PRO B 95 5.50 -7.01 28.51
CA PRO B 95 6.74 -6.34 28.07
C PRO B 95 7.57 -7.16 27.09
N ARG B 96 7.74 -8.46 27.33
CA ARG B 96 8.57 -9.24 26.42
C ARG B 96 7.89 -9.51 25.09
N ALA B 97 6.56 -9.62 25.07
CA ALA B 97 5.86 -9.75 23.80
C ALA B 97 6.08 -8.51 22.94
N ARG B 98 5.92 -7.33 23.54
CA ARG B 98 6.12 -6.09 22.80
C ARG B 98 7.57 -5.96 22.33
N HIS B 99 8.52 -6.42 23.14
CA HIS B 99 9.92 -6.25 22.78
C HIS B 99 10.31 -7.17 21.63
N SER B 100 9.64 -8.32 21.50
CA SER B 100 9.89 -9.20 20.37
C SER B 100 9.62 -8.48 19.04
N LEU B 101 8.60 -7.61 19.03
CA LEU B 101 8.33 -6.82 17.83
C LEU B 101 9.46 -5.86 17.52
N GLU B 102 10.12 -5.32 18.55
CA GLU B 102 11.24 -4.41 18.35
C GLU B 102 12.51 -5.15 17.94
N LEU B 103 12.63 -6.43 18.31
CA LEU B 103 13.74 -7.23 17.84
C LEU B 103 13.59 -7.66 16.37
N ALA B 104 12.37 -7.62 15.83
CA ALA B 104 12.11 -8.22 14.53
C ALA B 104 12.69 -7.41 13.39
N GLY B 105 13.15 -8.11 12.35
CA GLY B 105 13.53 -7.42 11.13
C GLY B 105 12.32 -6.97 10.34
N GLN B 106 11.27 -7.80 10.31
CA GLN B 106 10.05 -7.51 9.58
C GLN B 106 8.88 -8.01 10.41
N LEU B 107 7.77 -7.27 10.36
CA LEU B 107 6.55 -7.72 11.02
C LEU B 107 5.53 -8.05 9.95
N VAL B 108 4.70 -9.06 10.22
CA VAL B 108 3.68 -9.50 9.29
C VAL B 108 2.31 -9.42 9.94
N VAL B 109 1.39 -8.72 9.28
CA VAL B 109 -0.02 -8.71 9.67
C VAL B 109 -0.82 -9.40 8.57
N LEU B 110 -2.06 -9.78 8.90
CA LEU B 110 -2.84 -10.70 8.06
C LEU B 110 -3.88 -10.02 7.19
N GLN B 111 -4.02 -8.70 7.28
CA GLN B 111 -4.91 -7.94 6.41
C GLN B 111 -4.47 -6.48 6.44
N ASP B 112 -4.97 -5.70 5.49
CA ASP B 112 -4.30 -4.46 5.13
C ASP B 112 -4.58 -3.31 6.09
N LEU B 113 -5.34 -3.55 7.16
CA LEU B 113 -5.48 -2.58 8.25
C LEU B 113 -4.73 -3.00 9.50
N GLY B 114 -4.10 -4.19 9.52
CA GLY B 114 -3.43 -4.64 10.72
C GLY B 114 -2.34 -3.71 11.21
N ALA B 115 -1.75 -2.92 10.31
CA ALA B 115 -0.59 -2.14 10.68
C ALA B 115 -0.96 -0.88 11.44
N GLU B 116 -2.18 -0.39 11.26
CA GLU B 116 -2.61 0.83 11.93
C GLU B 116 -2.79 0.65 13.43
N ALA B 117 -2.78 -0.58 13.93
CA ALA B 117 -2.82 -0.80 15.36
C ALA B 117 -1.43 -0.73 16.01
N LEU B 118 -0.40 -0.41 15.23
CA LEU B 118 0.97 -0.34 15.74
C LEU B 118 1.50 1.08 15.68
N PRO B 119 2.41 1.44 16.58
CA PRO B 119 3.03 2.78 16.53
C PRO B 119 3.90 2.92 15.30
N PRO B 120 4.23 4.15 14.90
CA PRO B 120 4.95 4.34 13.62
C PRO B 120 6.28 3.63 13.56
N ALA B 121 6.99 3.55 14.68
CA ALA B 121 8.30 2.90 14.67
C ALA B 121 8.19 1.43 14.26
N LEU B 122 7.11 0.76 14.64
CA LEU B 122 6.90 -0.62 14.19
C LEU B 122 6.16 -0.71 12.86
N ARG B 123 5.30 0.26 12.55
CA ARG B 123 4.54 0.26 11.30
C ARG B 123 5.46 0.24 10.08
N GLY B 124 6.56 1.00 10.14
CA GLY B 124 7.42 1.17 8.98
C GLY B 124 8.13 -0.09 8.54
N LYS B 125 8.18 -1.12 9.39
CA LYS B 125 8.72 -2.41 8.99
C LYS B 125 7.64 -3.50 8.96
N THR B 126 6.38 -3.11 8.78
CA THR B 126 5.31 -4.08 8.72
C THR B 126 4.85 -4.29 7.28
N ARG B 127 4.53 -5.53 6.96
CA ARG B 127 4.08 -5.93 5.63
C ARG B 127 2.84 -6.79 5.78
N VAL B 128 1.97 -6.74 4.78
CA VAL B 128 0.70 -7.49 4.80
C VAL B 128 0.91 -8.80 4.05
N ILE B 129 0.56 -9.91 4.69
CA ILE B 129 0.46 -11.21 4.03
C ILE B 129 -0.86 -11.83 4.43
N TYR B 130 -1.87 -11.69 3.57
CA TYR B 130 -3.15 -12.35 3.78
C TYR B 130 -2.98 -13.86 3.88
N GLN B 131 -3.79 -14.49 4.72
CA GLN B 131 -3.83 -15.95 4.78
C GLN B 131 -4.41 -16.50 3.48
N SER B 132 -4.36 -17.83 3.33
CA SER B 132 -4.92 -18.45 2.12
C SER B 132 -5.57 -19.77 2.49
N THR B 133 -6.45 -20.24 1.60
CA THR B 133 -7.07 -21.55 1.71
C THR B 133 -7.52 -21.96 0.31
N PRO B 134 -7.55 -23.25 -0.01
CA PRO B 134 -8.07 -23.65 -1.33
C PRO B 134 -9.56 -23.35 -1.39
N SER B 135 -10.05 -22.98 -2.56
CA SER B 135 -11.45 -22.64 -2.66
C SER B 135 -12.31 -23.92 -2.60
N GLN B 136 -13.58 -23.74 -2.25
CA GLN B 136 -14.55 -24.84 -2.23
C GLN B 136 -15.74 -24.44 -3.07
N ALA B 137 -16.33 -25.41 -3.76
CA ALA B 137 -17.50 -25.13 -4.56
C ALA B 137 -18.68 -24.78 -3.66
N ALA B 138 -19.46 -23.79 -4.09
CA ALA B 138 -20.65 -23.38 -3.35
C ALA B 138 -21.61 -24.55 -3.17
N ALA B 139 -22.23 -24.62 -2.00
CA ALA B 139 -23.23 -25.66 -1.78
C ALA B 139 -24.60 -25.17 -2.22
N SER B 140 -25.44 -26.10 -2.66
CA SER B 140 -26.85 -25.82 -2.77
C SER B 140 -27.42 -25.55 -1.38
N LYS B 141 -28.40 -24.66 -1.29
CA LYS B 141 -28.93 -24.21 -0.01
C LYS B 141 -30.43 -23.97 -0.14
N PRO B 142 -31.19 -24.21 0.92
CA PRO B 142 -32.65 -24.07 0.82
C PRO B 142 -33.07 -22.62 0.80
N ASP B 143 -34.22 -22.37 0.17
CA ASP B 143 -34.76 -21.01 0.05
C ASP B 143 -35.93 -20.74 0.98
N THR B 144 -36.29 -21.71 1.81
CA THR B 144 -37.40 -21.62 2.74
C THR B 144 -36.95 -21.32 4.16
N VAL B 145 -35.65 -21.13 4.36
CA VAL B 145 -35.09 -20.85 5.66
C VAL B 145 -33.74 -20.20 5.42
N LEU B 146 -33.39 -19.24 6.25
CA LEU B 146 -32.06 -18.64 6.25
C LEU B 146 -31.27 -19.25 7.40
N GLN B 147 -30.20 -19.96 7.07
CA GLN B 147 -29.35 -20.57 8.10
C GLN B 147 -28.08 -19.75 8.22
N ALA B 148 -27.94 -19.08 9.36
CA ALA B 148 -26.75 -18.33 9.71
C ALA B 148 -25.88 -19.16 10.63
N LEU B 149 -24.59 -18.83 10.65
CA LEU B 149 -23.61 -19.57 11.44
C LEU B 149 -22.59 -18.59 11.98
N MET B 150 -22.26 -18.71 13.28
CA MET B 150 -21.15 -18.03 13.93
C MET B 150 -20.16 -19.06 14.50
N VAL B 151 -18.86 -18.77 14.39
CA VAL B 151 -17.82 -19.73 14.72
C VAL B 151 -16.78 -19.04 15.58
N GLY B 152 -16.53 -19.62 16.78
CA GLY B 152 -15.47 -19.12 17.61
C GLY B 152 -15.65 -19.53 19.05
N HIS B 153 -14.58 -19.93 19.71
CA HIS B 153 -14.74 -20.36 21.09
C HIS B 153 -15.32 -19.21 21.91
N LEU B 154 -16.16 -19.57 22.87
CA LEU B 154 -16.88 -18.55 23.62
C LEU B 154 -15.92 -17.85 24.59
N ARG B 155 -15.40 -16.73 24.14
CA ARG B 155 -14.63 -15.80 24.94
C ARG B 155 -15.20 -14.41 24.68
N GLU B 156 -14.97 -13.50 25.62
CA GLU B 156 -15.61 -12.18 25.57
C GLU B 156 -15.27 -11.46 24.28
N VAL B 157 -14.00 -11.51 23.84
CA VAL B 157 -13.59 -10.74 22.69
C VAL B 157 -14.35 -11.15 21.43
N LYS B 158 -14.90 -12.38 21.39
CA LYS B 158 -15.73 -12.82 20.27
C LYS B 158 -17.11 -12.19 20.28
N SER B 159 -17.52 -11.53 21.39
CA SER B 159 -18.83 -10.88 21.51
C SER B 159 -20.02 -11.81 21.30
N PRO B 160 -20.00 -13.06 21.78
CA PRO B 160 -21.15 -13.94 21.51
C PRO B 160 -22.46 -13.43 22.09
N GLN B 161 -22.40 -12.54 23.10
CA GLN B 161 -23.62 -11.96 23.64
C GLN B 161 -24.37 -11.15 22.59
N THR B 162 -23.66 -10.62 21.59
CA THR B 162 -24.35 -9.95 20.49
C THR B 162 -25.23 -10.93 19.73
N LEU B 163 -24.72 -12.15 19.51
CA LEU B 163 -25.50 -13.16 18.80
C LEU B 163 -26.65 -13.66 19.66
N PHE B 164 -26.46 -13.76 20.98
CA PHE B 164 -27.55 -14.25 21.83
C PHE B 164 -28.74 -13.29 21.75
N GLN B 165 -28.48 -11.99 21.91
CA GLN B 165 -29.57 -11.01 21.89
C GLN B 165 -30.26 -10.99 20.54
N ALA B 166 -29.49 -11.14 19.46
CA ALA B 166 -30.12 -11.16 18.14
C ALA B 166 -31.02 -12.36 17.98
N ALA B 167 -30.68 -13.50 18.58
CA ALA B 167 -31.59 -14.64 18.56
C ALA B 167 -32.88 -14.33 19.29
N ARG B 168 -32.77 -13.62 20.43
CA ARG B 168 -33.98 -13.23 21.16
C ARG B 168 -34.80 -12.22 20.38
N LEU B 169 -34.15 -11.23 19.77
CA LEU B 169 -34.87 -10.30 18.90
C LEU B 169 -35.61 -11.02 17.78
N LEU B 170 -35.06 -12.12 17.29
CA LEU B 170 -35.60 -12.80 16.11
C LEU B 170 -36.47 -14.01 16.47
N ALA B 171 -36.86 -14.17 17.74
CA ALA B 171 -37.52 -15.40 18.18
C ALA B 171 -38.87 -15.63 17.50
N GLY B 172 -39.49 -14.57 16.96
CA GLY B 172 -40.74 -14.70 16.24
C GLY B 172 -40.59 -14.93 14.75
N HIS B 173 -39.36 -15.06 14.25
CA HIS B 173 -39.11 -15.35 12.86
C HIS B 173 -38.70 -16.82 12.76
N ASP B 174 -39.66 -17.69 12.46
CA ASP B 174 -39.36 -19.13 12.39
C ASP B 174 -38.64 -19.53 11.10
N ASP B 175 -38.43 -18.59 10.16
CA ASP B 175 -37.69 -18.85 8.95
C ASP B 175 -36.23 -18.38 9.05
N ILE B 176 -35.77 -18.02 10.25
CA ILE B 176 -34.37 -17.63 10.44
C ILE B 176 -33.78 -18.47 11.56
N ARG B 177 -32.71 -19.19 11.26
CA ARG B 177 -32.05 -20.05 12.21
C ARG B 177 -30.61 -19.60 12.42
N ILE B 178 -30.10 -19.85 13.62
CA ILE B 178 -28.72 -19.50 13.95
C ILE B 178 -28.03 -20.72 14.56
N ASP B 179 -26.96 -21.17 13.93
CA ASP B 179 -26.07 -22.19 14.47
C ASP B 179 -24.83 -21.51 15.01
N HIS B 180 -24.23 -22.11 16.04
CA HIS B 180 -23.17 -21.42 16.79
C HIS B 180 -22.14 -22.44 17.26
N ILE B 181 -20.96 -22.41 16.63
CA ILE B 181 -19.87 -23.33 16.92
C ILE B 181 -18.85 -22.63 17.82
N GLY B 182 -18.38 -23.34 18.83
CA GLY B 182 -17.37 -22.79 19.72
C GLY B 182 -17.31 -23.48 21.08
N GLU B 183 -16.13 -23.93 21.46
CA GLU B 183 -15.91 -24.47 22.80
C GLU B 183 -16.25 -23.45 23.88
N ALA B 184 -16.84 -23.93 24.98
CA ALA B 184 -17.26 -23.07 26.10
C ALA B 184 -16.09 -22.74 27.05
N LEU B 185 -15.05 -22.09 26.48
CA LEU B 185 -13.79 -21.89 27.20
C LEU B 185 -14.00 -21.04 28.43
N ASP B 186 -14.67 -19.93 28.29
CA ASP B 186 -14.99 -19.19 29.49
C ASP B 186 -16.44 -19.51 29.79
N PRO B 187 -16.74 -20.24 30.82
CA PRO B 187 -18.13 -20.48 31.11
C PRO B 187 -18.72 -19.13 31.50
N VAL B 188 -19.93 -19.17 32.03
CA VAL B 188 -20.84 -18.03 32.06
C VAL B 188 -21.30 -17.81 30.62
N LEU B 189 -20.36 -17.58 29.70
CA LEU B 189 -20.77 -17.47 28.30
C LEU B 189 -21.37 -18.79 27.79
N GLY B 190 -20.85 -19.94 28.26
CA GLY B 190 -21.48 -21.21 27.89
C GLY B 190 -22.88 -21.36 28.45
N GLU B 191 -23.09 -20.95 29.70
CA GLU B 191 -24.42 -20.96 30.30
C GLU B 191 -25.38 -20.04 29.53
N GLN B 192 -24.89 -18.89 29.09
CA GLN B 192 -25.74 -18.00 28.31
C GLN B 192 -26.08 -18.60 26.96
N ALA B 193 -25.15 -19.35 26.36
CA ALA B 193 -25.48 -20.08 25.13
C ALA B 193 -26.59 -21.10 25.37
N LEU B 194 -26.54 -21.80 26.51
CA LEU B 194 -27.53 -22.79 26.86
C LEU B 194 -28.88 -22.14 27.16
N ALA B 195 -28.86 -20.98 27.81
CA ALA B 195 -30.11 -20.31 28.11
C ALA B 195 -30.78 -19.79 26.85
N THR B 196 -29.98 -19.20 25.95
CA THR B 196 -30.48 -18.79 24.63
C THR B 196 -31.09 -19.97 23.90
N GLN B 197 -30.36 -21.09 23.85
CA GLN B 197 -30.88 -22.28 23.17
C GLN B 197 -32.17 -22.76 23.83
N ARG B 198 -32.25 -22.67 25.17
CA ARG B 198 -33.47 -23.06 25.88
C ARG B 198 -34.64 -22.17 25.48
N ASP B 199 -34.42 -20.86 25.41
CA ASP B 199 -35.52 -19.94 25.17
C ASP B 199 -35.83 -19.68 23.71
N CYS B 200 -34.90 -19.97 22.79
CA CYS B 200 -35.06 -19.67 21.36
C CYS B 200 -34.79 -20.92 20.54
N PRO B 201 -35.81 -21.68 20.16
CA PRO B 201 -35.57 -22.97 19.49
C PRO B 201 -34.84 -22.85 18.15
N ASN B 202 -34.89 -21.70 17.48
CA ASN B 202 -34.16 -21.53 16.22
C ASN B 202 -32.67 -21.28 16.41
N TYR B 203 -32.21 -21.13 17.65
CA TYR B 203 -30.81 -20.95 17.96
C TYR B 203 -30.25 -22.28 18.46
N ARG B 204 -29.08 -22.67 17.95
CA ARG B 204 -28.46 -23.93 18.35
C ARG B 204 -26.98 -23.73 18.61
N TRP B 205 -26.52 -24.06 19.82
CA TRP B 205 -25.09 -24.07 20.13
C TRP B 205 -24.55 -25.49 19.91
N LEU B 206 -23.63 -25.63 18.96
CA LEU B 206 -23.11 -26.95 18.60
C LEU B 206 -21.86 -27.34 19.39
N GLY B 207 -21.28 -26.41 20.16
CA GLY B 207 -20.08 -26.72 20.92
C GLY B 207 -18.83 -26.75 20.07
N ALA B 208 -17.80 -27.42 20.60
CA ALA B 208 -16.53 -27.51 19.92
C ALA B 208 -16.64 -28.51 18.77
N LEU B 209 -16.17 -28.14 17.60
CA LEU B 209 -16.20 -29.02 16.45
C LEU B 209 -14.83 -29.08 15.82
N PRO B 210 -14.45 -30.22 15.24
CA PRO B 210 -13.17 -30.28 14.52
C PRO B 210 -13.15 -29.35 13.31
N HIS B 211 -11.94 -29.07 12.82
CA HIS B 211 -11.78 -28.09 11.76
C HIS B 211 -12.53 -28.49 10.50
N ASP B 212 -12.49 -29.76 10.13
CA ASP B 212 -13.07 -30.18 8.86
C ASP B 212 -14.60 -30.12 8.91
N GLY B 213 -15.19 -30.41 10.06
CA GLY B 213 -16.63 -30.23 10.19
C GLY B 213 -17.02 -28.77 10.21
N THR B 214 -16.22 -27.93 10.86
CA THR B 214 -16.53 -26.50 10.89
C THR B 214 -16.51 -25.89 9.49
N ARG B 215 -15.50 -26.20 8.69
CA ARG B 215 -15.47 -25.58 7.36
C ARG B 215 -16.62 -26.10 6.50
N GLU B 216 -17.02 -27.36 6.64
CA GLU B 216 -18.16 -27.81 5.86
C GLU B 216 -19.44 -27.07 6.27
N ARG B 217 -19.67 -26.85 7.57
CA ARG B 217 -20.85 -26.09 7.99
C ARG B 217 -20.79 -24.62 7.55
N ILE B 218 -19.61 -24.03 7.51
CA ILE B 218 -19.50 -22.70 6.89
C ILE B 218 -20.00 -22.76 5.45
N ARG B 219 -19.48 -23.73 4.69
CA ARG B 219 -19.89 -23.87 3.29
C ARG B 219 -21.40 -24.05 3.16
N CYS B 220 -22.03 -24.75 4.11
CA CYS B 220 -23.46 -25.04 4.00
C CYS B 220 -24.35 -23.90 4.48
N ALA B 221 -23.89 -23.07 5.42
CA ALA B 221 -24.70 -21.97 5.91
C ALA B 221 -24.99 -20.95 4.79
N HIS B 222 -26.10 -20.21 4.94
CA HIS B 222 -26.33 -19.10 4.02
C HIS B 222 -25.43 -17.91 4.35
N LEU B 223 -25.02 -17.77 5.61
CA LEU B 223 -24.25 -16.60 6.05
C LEU B 223 -23.34 -16.95 7.22
N LEU B 224 -22.15 -16.36 7.22
CA LEU B 224 -21.31 -16.33 8.41
C LEU B 224 -21.54 -15.00 9.12
N VAL B 225 -21.89 -15.05 10.40
CA VAL B 225 -21.89 -13.88 11.26
C VAL B 225 -20.61 -13.92 12.09
N HIS B 226 -19.84 -12.83 12.06
CA HIS B 226 -18.64 -12.71 12.88
C HIS B 226 -18.71 -11.37 13.61
N ALA B 227 -18.85 -11.42 14.94
CA ALA B 227 -19.27 -10.25 15.71
C ALA B 227 -18.16 -9.66 16.60
N SER B 228 -16.91 -10.06 16.40
CA SER B 228 -15.87 -9.83 17.41
C SER B 228 -15.57 -8.36 17.63
N ALA B 229 -15.03 -8.05 18.82
CA ALA B 229 -14.68 -6.68 19.16
C ALA B 229 -13.32 -6.29 18.59
N MET B 230 -12.43 -7.25 18.36
CA MET B 230 -11.19 -7.00 17.65
C MET B 230 -10.82 -8.24 16.86
N GLU B 231 -9.97 -8.05 15.87
CA GLU B 231 -9.57 -9.16 15.02
C GLU B 231 -8.24 -8.84 14.37
N GLY B 232 -7.36 -9.81 14.31
CA GLY B 232 -6.20 -9.63 13.47
C GLY B 232 -6.38 -10.09 12.05
N GLY B 233 -7.52 -10.69 11.71
CA GLY B 233 -7.74 -11.30 10.41
C GLY B 233 -8.37 -12.67 10.50
N ALA B 234 -9.70 -12.74 10.53
CA ALA B 234 -10.41 -13.95 10.94
C ALA B 234 -10.30 -15.04 9.87
N HIS B 235 -9.64 -16.14 10.23
CA HIS B 235 -9.56 -17.32 9.37
C HIS B 235 -10.95 -17.76 8.88
N VAL B 236 -11.98 -17.62 9.73
CA VAL B 236 -13.31 -18.13 9.37
C VAL B 236 -13.99 -17.24 8.35
N ILE B 237 -13.59 -15.96 8.28
CA ILE B 237 -14.10 -15.08 7.22
C ILE B 237 -13.47 -15.44 5.88
N MET B 238 -12.17 -15.72 5.86
CA MET B 238 -11.54 -16.17 4.63
C MET B 238 -12.15 -17.49 4.14
N GLU B 239 -12.41 -18.41 5.08
CA GLU B 239 -13.04 -19.68 4.73
C GLU B 239 -14.42 -19.47 4.13
N ALA B 240 -15.22 -18.59 4.74
CA ALA B 240 -16.55 -18.31 4.22
C ALA B 240 -16.46 -17.71 2.82
N VAL B 241 -15.60 -16.72 2.66
CA VAL B 241 -15.44 -16.05 1.37
C VAL B 241 -15.00 -17.05 0.30
N CYS B 242 -14.06 -17.93 0.62
CA CYS B 242 -13.55 -18.88 -0.37
C CYS B 242 -14.45 -20.10 -0.55
N SER B 243 -15.59 -20.16 0.15
CA SER B 243 -16.54 -21.25 0.03
C SER B 243 -17.87 -20.80 -0.54
N GLY B 244 -18.01 -19.52 -0.90
CA GLY B 244 -19.25 -19.02 -1.44
C GLY B 244 -20.28 -18.68 -0.40
N THR B 245 -19.85 -18.34 0.81
CA THR B 245 -20.76 -17.97 1.89
C THR B 245 -20.47 -16.55 2.33
N PRO B 246 -21.39 -15.59 2.14
CA PRO B 246 -21.12 -14.20 2.50
C PRO B 246 -21.21 -14.01 4.02
N VAL B 247 -20.79 -12.82 4.46
CA VAL B 247 -20.53 -12.57 5.87
C VAL B 247 -21.33 -11.38 6.37
N LEU B 248 -21.81 -11.46 7.62
CA LEU B 248 -22.26 -10.28 8.38
C LEU B 248 -21.25 -10.05 9.49
N ALA B 249 -20.61 -8.87 9.48
CA ALA B 249 -19.42 -8.65 10.30
C ALA B 249 -19.55 -7.38 11.14
N SER B 250 -19.07 -7.46 12.39
CA SER B 250 -18.93 -6.24 13.17
C SER B 250 -17.99 -5.29 12.45
N ARG B 251 -18.29 -3.98 12.54
CA ARG B 251 -17.54 -2.95 11.82
C ARG B 251 -16.32 -2.56 12.64
N ILE B 252 -15.27 -3.37 12.52
CA ILE B 252 -14.01 -3.18 13.25
C ILE B 252 -12.88 -3.31 12.23
N PRO B 253 -11.72 -2.68 12.46
CA PRO B 253 -10.64 -2.72 11.45
C PRO B 253 -10.24 -4.12 11.00
N GLY B 254 -10.16 -5.10 11.90
CA GLY B 254 -9.80 -6.45 11.49
C GLY B 254 -10.78 -7.08 10.53
N ASN B 255 -12.07 -6.77 10.66
CA ASN B 255 -13.05 -7.28 9.71
C ASN B 255 -13.02 -6.48 8.42
N VAL B 256 -12.90 -5.15 8.52
CA VAL B 256 -12.86 -4.32 7.31
C VAL B 256 -11.65 -4.68 6.45
N GLY B 257 -10.53 -5.02 7.09
CA GLY B 257 -9.37 -5.45 6.34
C GLY B 257 -9.62 -6.71 5.54
N MET B 258 -10.53 -7.58 6.02
CA MET B 258 -10.84 -8.80 5.29
C MET B 258 -11.86 -8.53 4.19
N LEU B 259 -12.88 -7.72 4.50
CA LEU B 259 -14.04 -7.64 3.63
C LEU B 259 -14.10 -6.39 2.76
N GLY B 260 -13.42 -5.32 3.13
CA GLY B 260 -13.36 -4.14 2.26
C GLY B 260 -14.13 -2.96 2.79
N ALA B 261 -13.59 -1.75 2.55
CA ALA B 261 -14.21 -0.54 3.09
C ALA B 261 -15.63 -0.34 2.57
N ASP B 262 -15.92 -0.80 1.36
CA ASP B 262 -17.22 -0.60 0.75
C ASP B 262 -18.19 -1.75 0.98
N TYR B 263 -17.87 -2.70 1.88
CA TYR B 263 -18.69 -3.91 2.03
C TYR B 263 -20.03 -3.56 2.67
N ALA B 264 -21.10 -4.20 2.18
CA ALA B 264 -22.47 -3.86 2.58
C ALA B 264 -22.99 -4.65 3.77
N GLY B 265 -22.18 -5.51 4.37
CA GLY B 265 -22.66 -6.36 5.44
C GLY B 265 -22.05 -6.10 6.80
N TYR B 266 -21.68 -4.85 7.10
CA TYR B 266 -21.25 -4.49 8.44
C TYR B 266 -22.43 -4.14 9.34
N PHE B 267 -22.26 -4.39 10.64
CA PHE B 267 -23.10 -3.81 11.69
C PHE B 267 -22.20 -3.23 12.76
N THR B 268 -22.67 -2.17 13.40
CA THR B 268 -21.91 -1.58 14.51
C THR B 268 -21.65 -2.63 15.59
N HIS B 269 -20.42 -2.66 16.11
CA HIS B 269 -20.09 -3.69 17.07
C HIS B 269 -21.01 -3.59 18.29
N GLY B 270 -21.48 -4.74 18.75
CA GLY B 270 -22.36 -4.80 19.90
C GLY B 270 -23.80 -4.47 19.64
N ASP B 271 -24.17 -4.10 18.40
CA ASP B 271 -25.52 -3.64 18.09
C ASP B 271 -26.34 -4.83 17.58
N ALA B 272 -26.99 -5.53 18.51
CA ALA B 272 -27.75 -6.74 18.18
C ALA B 272 -29.00 -6.42 17.38
N ALA B 273 -29.57 -5.23 17.58
CA ALA B 273 -30.68 -4.80 16.75
C ALA B 273 -30.26 -4.68 15.28
N ALA B 274 -29.08 -4.09 15.02
CA ALA B 274 -28.67 -3.88 13.63
C ALA B 274 -28.29 -5.19 12.96
N LEU B 275 -27.69 -6.11 13.72
CA LEU B 275 -27.38 -7.44 13.20
C LEU B 275 -28.66 -8.18 12.84
N ALA B 276 -29.65 -8.14 13.74
CA ALA B 276 -30.92 -8.77 13.46
C ALA B 276 -31.58 -8.18 12.20
N ALA B 277 -31.52 -6.85 12.06
CA ALA B 277 -32.10 -6.22 10.88
C ALA B 277 -31.44 -6.73 9.60
N LEU B 278 -30.10 -6.89 9.62
CA LEU B 278 -29.41 -7.47 8.48
C LEU B 278 -29.86 -8.89 8.22
N LEU B 279 -30.10 -9.68 9.28
CA LEU B 279 -30.57 -11.05 9.09
C LEU B 279 -31.93 -11.07 8.42
N VAL B 280 -32.87 -10.24 8.90
CA VAL B 280 -34.19 -10.19 8.25
C VAL B 280 -34.05 -9.79 6.78
N ARG B 281 -33.19 -8.81 6.47
CA ARG B 281 -33.03 -8.38 5.08
C ARG B 281 -32.52 -9.52 4.21
N CYS B 282 -31.55 -10.29 4.70
CA CYS B 282 -31.05 -11.42 3.91
C CYS B 282 -32.12 -12.49 3.72
N ARG B 283 -32.96 -12.72 4.74
CA ARG B 283 -34.05 -13.67 4.57
C ARG B 283 -35.00 -13.25 3.44
N GLN B 284 -35.19 -11.94 3.26
CA GLN B 284 -35.98 -11.41 2.14
C GLN B 284 -35.21 -11.36 0.82
N GLY B 285 -33.96 -11.81 0.77
CA GLY B 285 -33.22 -11.93 -0.45
C GLY B 285 -33.11 -13.30 -1.07
N GLN B 286 -33.75 -14.32 -0.49
CA GLN B 286 -33.52 -15.68 -0.97
C GLN B 286 -34.34 -16.02 -2.22
N ALA B 287 -35.62 -15.64 -2.23
CA ALA B 287 -36.48 -15.88 -3.36
C ALA B 287 -37.51 -14.77 -3.40
N ALA B 288 -38.22 -14.69 -4.52
CA ALA B 288 -39.33 -13.75 -4.63
C ALA B 288 -40.38 -14.07 -3.57
N SER B 289 -40.96 -13.02 -3.00
CA SER B 289 -42.05 -13.17 -2.03
C SER B 289 -43.34 -13.00 -2.83
N GLY B 290 -43.90 -14.13 -3.27
CA GLY B 290 -44.98 -14.10 -4.23
C GLY B 290 -44.56 -13.46 -5.54
N ASP B 291 -45.12 -12.29 -5.84
CA ASP B 291 -44.74 -11.52 -7.01
C ASP B 291 -43.70 -10.44 -6.71
N VAL B 292 -43.33 -10.24 -5.45
CA VAL B 292 -42.38 -9.18 -5.11
C VAL B 292 -40.97 -9.69 -5.33
N PRO B 293 -40.14 -9.00 -6.11
CA PRO B 293 -38.77 -9.46 -6.32
C PRO B 293 -37.96 -9.39 -5.05
N ALA B 294 -36.96 -10.28 -4.97
CA ALA B 294 -36.20 -10.44 -3.74
C ALA B 294 -35.38 -9.20 -3.43
N ASP B 295 -35.35 -8.85 -2.14
CA ASP B 295 -34.39 -7.89 -1.63
C ASP B 295 -32.99 -8.23 -2.17
N PRO B 296 -32.24 -7.25 -2.67
CA PRO B 296 -30.96 -7.56 -3.33
C PRO B 296 -29.76 -7.71 -2.41
N LEU B 297 -29.89 -7.53 -1.08
CA LEU B 297 -28.71 -7.46 -0.22
C LEU B 297 -27.92 -8.77 -0.22
N LEU B 298 -28.61 -9.91 -0.06
CA LEU B 298 -27.94 -11.19 0.08
C LEU B 298 -27.07 -11.50 -1.15
N ALA B 299 -27.62 -11.32 -2.35
CA ALA B 299 -26.81 -11.54 -3.55
C ALA B 299 -25.74 -10.46 -3.71
N ARG B 300 -26.00 -9.23 -3.23
CA ARG B 300 -24.94 -8.22 -3.20
C ARG B 300 -23.77 -8.65 -2.32
N LEU B 301 -24.08 -9.15 -1.11
CA LEU B 301 -23.01 -9.63 -0.24
C LEU B 301 -22.24 -10.78 -0.90
N GLY B 302 -22.95 -11.67 -1.60
CA GLY B 302 -22.27 -12.73 -2.33
C GLY B 302 -21.33 -12.19 -3.39
N ALA B 303 -21.79 -11.19 -4.15
CA ALA B 303 -20.97 -10.66 -5.25
C ALA B 303 -19.74 -9.94 -4.70
N GLN B 304 -19.90 -9.19 -3.60
CA GLN B 304 -18.77 -8.49 -3.01
C GLN B 304 -17.74 -9.48 -2.46
N CYS B 305 -18.20 -10.55 -1.78
CA CYS B 305 -17.27 -11.55 -1.24
C CYS B 305 -16.53 -12.27 -2.37
N ALA B 306 -17.21 -12.55 -3.48
CA ALA B 306 -16.53 -13.12 -4.63
C ALA B 306 -15.37 -12.23 -5.06
N LEU B 307 -15.58 -10.91 -5.09
CA LEU B 307 -14.50 -9.98 -5.38
C LEU B 307 -13.36 -10.04 -4.37
N ARG B 308 -13.62 -10.43 -3.11
CA ARG B 308 -12.51 -10.49 -2.15
C ARG B 308 -11.72 -11.79 -2.26
N ALA B 309 -12.32 -12.86 -2.76
CA ALA B 309 -11.69 -14.18 -2.71
C ALA B 309 -10.28 -14.25 -3.30
N PRO B 310 -9.93 -13.55 -4.40
CA PRO B 310 -8.55 -13.66 -4.92
C PRO B 310 -7.46 -13.27 -3.92
N LEU B 311 -7.76 -12.43 -2.92
CA LEU B 311 -6.75 -12.12 -1.92
C LEU B 311 -6.30 -13.34 -1.15
N PHE B 312 -7.10 -14.40 -1.16
CA PHE B 312 -6.83 -15.56 -0.31
C PHE B 312 -6.36 -16.76 -1.12
N ALA B 313 -6.03 -16.56 -2.39
CA ALA B 313 -5.57 -17.67 -3.22
C ALA B 313 -4.25 -18.20 -2.67
N PRO B 314 -4.08 -19.53 -2.55
CA PRO B 314 -2.81 -20.07 -2.06
C PRO B 314 -1.59 -19.57 -2.84
N GLU B 315 -1.75 -19.37 -4.15
CA GLU B 315 -0.64 -18.89 -4.98
C GLU B 315 -0.19 -17.50 -4.53
N ALA B 316 -1.13 -16.64 -4.13
CA ALA B 316 -0.79 -15.29 -3.68
C ALA B 316 -0.01 -15.31 -2.36
N GLU B 317 -0.39 -16.20 -1.44
CA GLU B 317 0.33 -16.23 -0.17
C GLU B 317 1.70 -16.87 -0.36
N ARG B 318 1.77 -17.90 -1.19
CA ARG B 318 3.06 -18.51 -1.48
C ARG B 318 4.03 -17.50 -2.08
N ALA B 319 3.53 -16.64 -2.97
CA ALA B 319 4.40 -15.65 -3.60
C ALA B 319 4.85 -14.60 -2.59
N ALA B 320 3.95 -14.19 -1.71
CA ALA B 320 4.30 -13.19 -0.69
C ALA B 320 5.27 -13.76 0.33
N LEU B 321 5.11 -15.04 0.70
CA LEU B 321 6.01 -15.65 1.67
C LEU B 321 7.42 -15.82 1.11
N LEU B 322 7.52 -16.29 -0.14
CA LEU B 322 8.85 -16.42 -0.73
C LEU B 322 9.53 -15.06 -0.88
N ARG B 323 8.75 -14.03 -1.22
CA ARG B 323 9.28 -12.66 -1.23
C ARG B 323 9.86 -12.29 0.14
N LEU B 324 9.11 -12.57 1.22
CA LEU B 324 9.59 -12.27 2.56
C LEU B 324 10.88 -13.02 2.87
N VAL B 325 10.89 -14.33 2.64
CA VAL B 325 12.09 -15.11 2.92
C VAL B 325 13.28 -14.54 2.14
N ALA B 326 13.09 -14.23 0.87
CA ALA B 326 14.17 -13.67 0.06
C ALA B 326 14.65 -12.33 0.64
N ASP B 327 13.71 -11.45 0.99
CA ASP B 327 14.06 -10.19 1.64
C ASP B 327 14.89 -10.41 2.91
N LEU B 328 14.61 -11.49 3.66
CA LEU B 328 15.29 -11.75 4.93
C LEU B 328 16.62 -12.46 4.75
N MET B 329 16.83 -13.12 3.62
CA MET B 329 18.15 -13.63 3.31
C MET B 329 19.16 -12.48 3.18
#